data_4PY1
#
_entry.id   4PY1
#
_cell.length_a   36.470
_cell.length_b   73.510
_cell.length_c   103.630
_cell.angle_alpha   90.00
_cell.angle_beta   90.00
_cell.angle_gamma   90.00
#
_symmetry.space_group_name_H-M   'P 21 21 21'
#
loop_
_entity.id
_entity.type
_entity.pdbx_description
1 polymer 'Non-receptor tyrosine-protein kinase TYK2'
2 non-polymer 6-[(2,5-dimethoxyphenyl)sulfanyl]-3-(1-methyl-1H-pyrazol-4-yl)[1,2,4]triazolo[4,3-b]pyridazine
3 water water
#
_entity_poly.entity_id   1
_entity_poly.type   'polypeptide(L)'
_entity_poly.pdbx_seq_one_letter_code
;MAHHHHHHHHHHGALEVLFQGPGDPTVFHKRYLKKIRDLGEGHFGKVSLYCYDPTNDGTGEMVAVKALKADAGPQHRSGW
KQEIDILRTLYHEHIIKYKGCCEDAGAASLQLVMEYVPLGSLRDYLPRHSIGLAQLLLFAQQICEGMAYLHSQHYIHRDL
AARNVLLDNDRLVKIGDFGLAKAVPEGHE(PTR)YRVREDGDSPVFWYAPECLKEYKFYYASDVWSFGVTLYELLTHCDS
SQSPPTKFLELIGIAQGQMTVLRLTELLERGERLPRPDKCPAEVYHLMKNCWETEASFRPTFENLIPILKTVHEKYQGQA
PS
;
_entity_poly.pdbx_strand_id   A
#
# COMPACT_ATOMS: atom_id res chain seq x y z
N PRO A 25 11.48 -19.35 -3.41
CA PRO A 25 12.15 -20.62 -3.70
C PRO A 25 13.28 -20.48 -4.73
N THR A 26 13.07 -19.62 -5.76
CA THR A 26 14.03 -19.34 -6.82
C THR A 26 15.22 -18.55 -6.29
N VAL A 27 16.40 -18.82 -6.85
CA VAL A 27 17.65 -18.14 -6.52
C VAL A 27 18.13 -17.36 -7.74
N PHE A 28 18.31 -16.06 -7.59
CA PHE A 28 18.84 -15.23 -8.65
C PHE A 28 20.34 -15.11 -8.44
N HIS A 29 21.10 -15.17 -9.50
CA HIS A 29 22.56 -15.09 -9.39
C HIS A 29 23.02 -13.67 -9.62
N LYS A 30 23.77 -13.12 -8.65
CA LYS A 30 24.26 -11.75 -8.69
C LYS A 30 25.10 -11.38 -9.93
N ARG A 31 25.80 -12.35 -10.58
CA ARG A 31 26.63 -12.10 -11.77
C ARG A 31 25.83 -11.72 -13.04
N TYR A 32 24.51 -11.97 -13.07
CA TYR A 32 23.67 -11.63 -14.23
C TYR A 32 22.79 -10.42 -13.98
N LEU A 33 22.87 -9.87 -12.75
CA LEU A 33 22.11 -8.71 -12.36
C LEU A 33 22.80 -7.42 -12.80
N LYS A 34 22.08 -6.56 -13.50
CA LYS A 34 22.61 -5.28 -13.97
C LYS A 34 21.61 -4.19 -13.55
N LYS A 35 22.03 -3.26 -12.67
CA LYS A 35 21.19 -2.16 -12.17
C LYS A 35 20.87 -1.16 -13.29
N ILE A 36 19.57 -0.85 -13.48
CA ILE A 36 19.08 0.06 -14.50
C ILE A 36 18.83 1.45 -13.89
N ARG A 37 17.97 1.51 -12.83
CA ARG A 37 17.61 2.73 -12.10
C ARG A 37 16.99 2.42 -10.74
N ASP A 38 17.04 3.39 -9.81
CA ASP A 38 16.36 3.29 -8.52
C ASP A 38 14.87 3.50 -8.81
N LEU A 39 14.01 2.76 -8.11
CA LEU A 39 12.56 2.89 -8.32
C LEU A 39 11.83 3.59 -7.17
N GLY A 40 12.34 3.42 -5.94
CA GLY A 40 11.82 3.97 -4.71
C GLY A 40 12.71 3.63 -3.53
N GLU A 41 12.66 4.42 -2.45
CA GLU A 41 13.47 4.19 -1.24
C GLU A 41 12.98 4.92 -0.03
N GLY A 42 12.92 4.20 1.09
CA GLY A 42 12.50 4.71 2.38
C GLY A 42 13.61 4.74 3.41
N HIS A 43 13.23 4.67 4.70
CA HIS A 43 14.14 4.70 5.84
C HIS A 43 15.02 3.45 5.92
N PHE A 44 14.45 2.27 5.63
CA PHE A 44 15.15 0.99 5.75
C PHE A 44 15.11 0.13 4.48
N GLY A 45 14.11 0.37 3.62
CA GLY A 45 13.92 -0.34 2.36
C GLY A 45 14.25 0.47 1.13
N LYS A 46 14.61 -0.20 0.05
CA LYS A 46 14.97 0.41 -1.24
C LYS A 46 14.63 -0.58 -2.36
N VAL A 47 13.95 -0.09 -3.42
CA VAL A 47 13.61 -0.86 -4.61
C VAL A 47 14.30 -0.24 -5.82
N SER A 48 15.00 -1.09 -6.60
CA SER A 48 15.69 -0.69 -7.81
C SER A 48 15.30 -1.62 -8.94
N LEU A 49 15.36 -1.09 -10.19
CA LEU A 49 15.09 -1.85 -11.39
C LEU A 49 16.41 -2.45 -11.86
N TYR A 50 16.39 -3.75 -12.17
CA TYR A 50 17.53 -4.49 -12.70
C TYR A 50 17.15 -5.26 -13.97
N CYS A 51 18.16 -5.56 -14.79
CA CYS A 51 18.01 -6.47 -15.92
C CYS A 51 18.72 -7.72 -15.46
N TYR A 52 18.03 -8.85 -15.50
CA TYR A 52 18.60 -10.14 -15.15
C TYR A 52 18.85 -10.85 -16.47
N ASP A 53 20.12 -10.86 -16.91
CA ASP A 53 20.44 -11.37 -18.23
C ASP A 53 21.49 -12.50 -18.25
N PRO A 54 21.07 -13.77 -17.96
CA PRO A 54 22.01 -14.90 -17.99
C PRO A 54 22.43 -15.40 -19.39
N THR A 55 22.71 -14.47 -20.33
CA THR A 55 23.16 -14.76 -21.69
C THR A 55 23.99 -13.58 -22.19
N ASN A 56 23.93 -12.43 -21.45
CA ASN A 56 24.60 -11.16 -21.77
C ASN A 56 24.27 -10.67 -23.19
N ASP A 57 23.04 -11.00 -23.65
CA ASP A 57 22.51 -10.67 -24.97
C ASP A 57 21.23 -9.81 -24.88
N GLY A 58 20.15 -10.30 -25.50
CA GLY A 58 18.85 -9.66 -25.58
C GLY A 58 17.77 -10.11 -24.62
N THR A 59 17.56 -11.44 -24.52
CA THR A 59 16.52 -12.14 -23.74
C THR A 59 16.28 -11.64 -22.29
N GLY A 60 17.17 -10.79 -21.76
CA GLY A 60 17.14 -10.23 -20.41
C GLY A 60 15.78 -9.79 -19.91
N GLU A 61 15.38 -10.31 -18.72
CA GLU A 61 14.13 -10.00 -18.03
C GLU A 61 14.31 -8.76 -17.12
N MET A 62 13.24 -7.96 -16.97
CA MET A 62 13.25 -6.76 -16.12
C MET A 62 12.68 -7.10 -14.76
N VAL A 63 13.45 -6.84 -13.67
CA VAL A 63 13.07 -7.18 -12.30
C VAL A 63 13.25 -6.04 -11.32
N ALA A 64 12.33 -5.98 -10.35
CA ALA A 64 12.31 -5.02 -9.27
C ALA A 64 12.88 -5.73 -8.06
N VAL A 65 13.99 -5.20 -7.55
CA VAL A 65 14.72 -5.80 -6.44
C VAL A 65 14.67 -4.90 -5.21
N LYS A 66 14.16 -5.45 -4.10
CA LYS A 66 14.05 -4.76 -2.80
C LYS A 66 15.18 -5.24 -1.90
N ALA A 67 15.91 -4.28 -1.34
CA ALA A 67 17.02 -4.54 -0.44
C ALA A 67 16.80 -3.79 0.86
N LEU A 68 17.26 -4.39 1.95
CA LEU A 68 17.22 -3.76 3.26
C LEU A 68 18.57 -3.10 3.45
N LYS A 69 18.55 -1.85 3.96
CA LYS A 69 19.79 -1.11 4.22
C LYS A 69 20.63 -1.86 5.28
N ALA A 70 21.94 -2.06 4.99
CA ALA A 70 22.89 -2.79 5.86
C ALA A 70 23.02 -2.21 7.28
N ASP A 71 22.58 -0.95 7.46
CA ASP A 71 22.57 -0.15 8.69
C ASP A 71 21.30 -0.36 9.54
N ALA A 72 20.30 -1.12 9.02
CA ALA A 72 19.04 -1.38 9.74
C ALA A 72 19.26 -2.28 10.96
N GLY A 73 18.54 -1.98 12.04
CA GLY A 73 18.63 -2.69 13.31
C GLY A 73 18.13 -4.13 13.32
N PRO A 74 18.25 -4.83 14.46
CA PRO A 74 17.78 -6.23 14.54
C PRO A 74 16.27 -6.41 14.34
N GLN A 75 15.47 -5.41 14.77
CA GLN A 75 14.01 -5.45 14.61
C GLN A 75 13.63 -5.41 13.13
N HIS A 76 14.33 -4.57 12.36
CA HIS A 76 14.12 -4.45 10.92
C HIS A 76 14.66 -5.65 10.15
N ARG A 77 15.77 -6.25 10.64
CA ARG A 77 16.37 -7.45 10.05
C ARG A 77 15.49 -8.68 10.22
N SER A 78 14.89 -8.87 11.42
CA SER A 78 13.97 -9.98 11.67
C SER A 78 12.65 -9.73 10.91
N GLY A 79 12.22 -8.47 10.83
CA GLY A 79 11.02 -8.07 10.11
C GLY A 79 11.16 -8.18 8.60
N TRP A 80 12.42 -8.07 8.09
CA TRP A 80 12.75 -8.20 6.67
C TRP A 80 12.58 -9.66 6.24
N LYS A 81 13.05 -10.59 7.10
CA LYS A 81 12.92 -12.03 6.87
C LYS A 81 11.44 -12.42 6.87
N GLN A 82 10.65 -11.80 7.77
CA GLN A 82 9.19 -11.98 7.88
C GLN A 82 8.50 -11.52 6.59
N GLU A 83 8.97 -10.41 6.01
CA GLU A 83 8.43 -9.83 4.78
C GLU A 83 8.67 -10.76 3.57
N ILE A 84 9.92 -11.22 3.39
CA ILE A 84 10.31 -12.13 2.31
C ILE A 84 9.42 -13.39 2.34
N ASP A 85 9.26 -13.98 3.55
CA ASP A 85 8.45 -15.18 3.84
C ASP A 85 6.96 -14.99 3.55
N ILE A 86 6.41 -13.76 3.78
CA ILE A 86 5.00 -13.45 3.50
C ILE A 86 4.78 -13.48 1.97
N LEU A 87 5.63 -12.73 1.23
CA LEU A 87 5.61 -12.61 -0.22
C LEU A 87 5.96 -13.91 -0.95
N ARG A 88 6.82 -14.76 -0.33
CA ARG A 88 7.24 -16.09 -0.81
C ARG A 88 6.04 -17.04 -0.90
N THR A 89 5.00 -16.79 -0.08
CA THR A 89 3.79 -17.63 0.00
C THR A 89 2.53 -16.96 -0.60
N LEU A 90 2.51 -15.63 -0.78
CA LEU A 90 1.36 -14.93 -1.37
C LEU A 90 1.33 -15.07 -2.88
N TYR A 91 0.14 -15.33 -3.43
CA TYR A 91 -0.08 -15.47 -4.86
C TYR A 91 -1.50 -15.08 -5.21
N HIS A 92 -1.61 -13.94 -5.92
CA HIS A 92 -2.85 -13.33 -6.37
C HIS A 92 -2.61 -12.43 -7.57
N GLU A 93 -3.62 -12.30 -8.43
CA GLU A 93 -3.61 -11.46 -9.63
C GLU A 93 -3.43 -9.96 -9.32
N HIS A 94 -3.78 -9.52 -8.10
CA HIS A 94 -3.72 -8.11 -7.65
C HIS A 94 -2.74 -7.87 -6.53
N ILE A 95 -1.72 -8.73 -6.47
CA ILE A 95 -0.58 -8.68 -5.55
C ILE A 95 0.69 -8.85 -6.44
N ILE A 96 1.74 -8.06 -6.18
CA ILE A 96 3.05 -8.15 -6.84
C ILE A 96 3.55 -9.59 -6.85
N LYS A 97 4.18 -10.01 -7.95
CA LYS A 97 4.67 -11.38 -8.09
C LYS A 97 6.07 -11.53 -7.55
N TYR A 98 6.21 -12.41 -6.56
CA TYR A 98 7.51 -12.80 -6.01
C TYR A 98 8.23 -13.62 -7.12
N LYS A 99 9.50 -13.30 -7.38
CA LYS A 99 10.30 -13.97 -8.41
C LYS A 99 11.26 -14.98 -7.81
N GLY A 100 11.95 -14.54 -6.77
CA GLY A 100 12.94 -15.30 -6.04
C GLY A 100 13.73 -14.40 -5.12
N CYS A 101 14.92 -14.85 -4.74
CA CYS A 101 15.79 -14.12 -3.84
C CYS A 101 17.21 -14.30 -4.28
N CYS A 102 18.04 -13.31 -4.04
CA CYS A 102 19.47 -13.42 -4.30
C CYS A 102 20.17 -12.96 -3.04
N GLU A 103 21.36 -13.50 -2.77
CA GLU A 103 22.14 -13.10 -1.61
C GLU A 103 22.63 -11.67 -1.79
N ASP A 104 22.59 -10.92 -0.68
CA ASP A 104 23.09 -9.57 -0.59
C ASP A 104 24.25 -9.70 0.40
N ALA A 105 25.41 -10.16 -0.10
CA ALA A 105 26.61 -10.35 0.72
C ALA A 105 27.07 -8.99 1.23
N GLY A 106 26.81 -7.94 0.45
CA GLY A 106 27.14 -6.56 0.78
C GLY A 106 26.36 -6.03 1.98
N ALA A 107 25.25 -6.70 2.34
CA ALA A 107 24.38 -6.34 3.46
C ALA A 107 24.13 -7.51 4.42
N ALA A 108 24.72 -8.69 4.16
CA ALA A 108 24.56 -9.93 4.95
C ALA A 108 23.08 -10.26 5.27
N SER A 109 22.24 -10.11 4.24
CA SER A 109 20.81 -10.43 4.26
C SER A 109 20.47 -10.94 2.85
N LEU A 110 19.21 -10.82 2.45
CA LEU A 110 18.78 -11.28 1.13
C LEU A 110 18.13 -10.10 0.46
N GLN A 111 18.05 -10.19 -0.85
CA GLN A 111 17.40 -9.21 -1.68
C GLN A 111 16.18 -9.89 -2.21
N LEU A 112 15.06 -9.17 -2.21
CA LEU A 112 13.78 -9.64 -2.65
C LEU A 112 13.61 -9.30 -4.14
N VAL A 113 13.49 -10.31 -5.00
CA VAL A 113 13.32 -10.11 -6.43
C VAL A 113 11.85 -10.27 -6.75
N MET A 114 11.26 -9.27 -7.43
CA MET A 114 9.85 -9.26 -7.83
C MET A 114 9.76 -8.90 -9.30
N GLU A 115 8.63 -9.20 -9.96
CA GLU A 115 8.39 -8.79 -11.34
C GLU A 115 8.31 -7.25 -11.38
N TYR A 116 8.73 -6.66 -12.48
CA TYR A 116 8.71 -5.24 -12.69
C TYR A 116 7.35 -4.82 -13.28
N VAL A 117 6.67 -3.87 -12.61
CA VAL A 117 5.37 -3.32 -13.03
C VAL A 117 5.75 -2.02 -13.73
N PRO A 118 5.74 -2.00 -15.09
CA PRO A 118 6.38 -0.90 -15.83
C PRO A 118 5.75 0.47 -15.73
N LEU A 119 4.43 0.55 -15.55
CA LEU A 119 3.80 1.87 -15.48
C LEU A 119 3.95 2.53 -14.08
N GLY A 120 4.52 1.80 -13.11
CA GLY A 120 4.78 2.30 -11.76
C GLY A 120 3.59 2.45 -10.82
N SER A 121 3.73 3.32 -9.83
CA SER A 121 2.68 3.51 -8.84
C SER A 121 1.60 4.45 -9.31
N LEU A 122 0.40 4.32 -8.75
CA LEU A 122 -0.71 5.23 -9.08
C LEU A 122 -0.37 6.64 -8.59
N ARG A 123 0.47 6.74 -7.52
CA ARG A 123 0.90 8.03 -7.02
C ARG A 123 1.69 8.81 -8.10
N ASP A 124 2.54 8.12 -8.88
CA ASP A 124 3.29 8.80 -9.94
C ASP A 124 2.52 8.85 -11.25
N TYR A 125 1.68 7.85 -11.51
CA TYR A 125 0.91 7.75 -12.74
C TYR A 125 -0.27 8.72 -12.86
N LEU A 126 -1.19 8.73 -11.87
CA LEU A 126 -2.44 9.53 -11.89
C LEU A 126 -2.24 11.07 -12.07
N PRO A 127 -1.23 11.75 -11.44
CA PRO A 127 -1.06 13.20 -11.72
C PRO A 127 -0.69 13.50 -13.18
N ARG A 128 -0.16 12.52 -13.91
CA ARG A 128 0.27 12.67 -15.31
C ARG A 128 -0.70 12.13 -16.36
N HIS A 129 -1.67 11.28 -15.96
CA HIS A 129 -2.61 10.68 -16.92
C HIS A 129 -4.05 10.83 -16.48
N SER A 130 -4.84 11.60 -17.22
CA SER A 130 -6.26 11.80 -16.95
C SER A 130 -6.96 10.46 -17.15
N ILE A 131 -7.38 9.88 -16.04
CA ILE A 131 -8.05 8.58 -15.95
C ILE A 131 -9.49 8.83 -15.54
N GLY A 132 -10.41 8.23 -16.29
CA GLY A 132 -11.83 8.36 -16.06
C GLY A 132 -12.24 7.65 -14.79
N LEU A 133 -13.39 8.07 -14.21
CA LEU A 133 -13.98 7.55 -12.99
C LEU A 133 -14.18 6.05 -13.02
N ALA A 134 -14.67 5.54 -14.16
CA ALA A 134 -14.92 4.13 -14.43
C ALA A 134 -13.68 3.28 -14.19
N GLN A 135 -12.50 3.70 -14.71
CA GLN A 135 -11.22 2.98 -14.56
C GLN A 135 -10.76 3.04 -13.12
N LEU A 136 -10.93 4.20 -12.47
CA LEU A 136 -10.55 4.38 -11.07
C LEU A 136 -11.31 3.44 -10.14
N LEU A 137 -12.60 3.17 -10.47
CA LEU A 137 -13.46 2.28 -9.69
C LEU A 137 -13.06 0.83 -9.93
N LEU A 138 -12.58 0.52 -11.15
CA LEU A 138 -12.08 -0.81 -11.47
C LEU A 138 -10.83 -1.05 -10.63
N PHE A 139 -9.93 -0.05 -10.54
CA PHE A 139 -8.72 -0.15 -9.69
C PHE A 139 -9.11 -0.38 -8.22
N ALA A 140 -10.10 0.39 -7.71
CA ALA A 140 -10.62 0.28 -6.33
C ALA A 140 -11.13 -1.16 -6.09
N GLN A 141 -11.89 -1.71 -7.05
CA GLN A 141 -12.40 -3.09 -6.97
C GLN A 141 -11.25 -4.09 -6.89
N GLN A 142 -10.22 -3.93 -7.74
CA GLN A 142 -9.03 -4.78 -7.81
C GLN A 142 -8.23 -4.73 -6.50
N ILE A 143 -8.05 -3.50 -5.92
CA ILE A 143 -7.38 -3.31 -4.64
C ILE A 143 -8.09 -4.14 -3.54
N CYS A 144 -9.44 -4.07 -3.46
CA CYS A 144 -10.25 -4.86 -2.52
C CYS A 144 -10.13 -6.38 -2.70
N GLU A 145 -10.01 -6.86 -3.96
CA GLU A 145 -9.82 -8.29 -4.24
C GLU A 145 -8.47 -8.80 -3.73
N GLY A 146 -7.41 -8.00 -3.93
CA GLY A 146 -6.08 -8.31 -3.42
C GLY A 146 -6.02 -8.23 -1.90
N MET A 147 -6.74 -7.25 -1.30
CA MET A 147 -6.79 -7.05 0.15
C MET A 147 -7.60 -8.12 0.87
N ALA A 148 -8.73 -8.57 0.26
CA ALA A 148 -9.56 -9.64 0.82
C ALA A 148 -8.75 -10.95 0.83
N TYR A 149 -7.99 -11.19 -0.24
CA TYR A 149 -7.14 -12.37 -0.34
C TYR A 149 -6.09 -12.37 0.78
N LEU A 150 -5.43 -11.21 0.99
CA LEU A 150 -4.43 -10.99 2.04
C LEU A 150 -5.02 -11.24 3.43
N HIS A 151 -6.24 -10.74 3.68
CA HIS A 151 -6.96 -10.90 4.93
C HIS A 151 -7.37 -12.35 5.15
N SER A 152 -7.71 -13.09 4.06
CA SER A 152 -8.07 -14.53 4.12
C SER A 152 -6.85 -15.40 4.47
N GLN A 153 -5.64 -14.93 4.16
CA GLN A 153 -4.36 -15.56 4.50
C GLN A 153 -3.90 -15.08 5.90
N HIS A 154 -4.77 -14.29 6.58
CA HIS A 154 -4.63 -13.71 7.93
C HIS A 154 -3.45 -12.76 8.06
N TYR A 155 -3.26 -11.92 7.03
CA TYR A 155 -2.21 -10.91 7.05
C TYR A 155 -2.87 -9.54 6.98
N ILE A 156 -2.34 -8.54 7.72
CA ILE A 156 -2.79 -7.14 7.63
C ILE A 156 -1.69 -6.42 6.84
N HIS A 157 -2.07 -5.50 5.94
CA HIS A 157 -1.06 -4.79 5.13
C HIS A 157 -0.35 -3.67 5.90
N ARG A 158 -1.11 -2.78 6.58
CA ARG A 158 -0.63 -1.66 7.41
C ARG A 158 -0.06 -0.47 6.63
N ASP A 159 0.01 -0.55 5.31
CA ASP A 159 0.55 0.58 4.54
C ASP A 159 -0.18 0.74 3.24
N LEU A 160 -1.53 0.62 3.29
CA LEU A 160 -2.33 0.72 2.08
C LEU A 160 -2.46 2.19 1.70
N ALA A 161 -1.82 2.56 0.58
CA ALA A 161 -1.82 3.93 0.06
C ALA A 161 -1.61 3.86 -1.43
N ALA A 162 -1.99 4.92 -2.16
CA ALA A 162 -1.85 4.96 -3.61
C ALA A 162 -0.39 4.77 -4.07
N ARG A 163 0.58 5.16 -3.22
CA ARG A 163 2.01 4.94 -3.50
C ARG A 163 2.35 3.46 -3.59
N ASN A 164 1.53 2.59 -2.98
CA ASN A 164 1.83 1.16 -2.93
C ASN A 164 0.99 0.34 -3.89
N VAL A 165 0.27 1.03 -4.79
CA VAL A 165 -0.55 0.37 -5.79
C VAL A 165 0.14 0.60 -7.13
N LEU A 166 0.53 -0.52 -7.75
CA LEU A 166 1.25 -0.58 -9.02
C LEU A 166 0.35 -0.86 -10.21
N LEU A 167 0.58 -0.13 -11.31
CA LEU A 167 -0.24 -0.21 -12.51
C LEU A 167 0.46 -1.13 -13.54
N ASP A 168 -0.10 -2.34 -13.78
CA ASP A 168 0.47 -3.26 -14.76
C ASP A 168 0.17 -2.78 -16.19
N ASN A 169 -1.10 -2.43 -16.43
CA ASN A 169 -1.67 -1.89 -17.66
C ASN A 169 -2.98 -1.12 -17.29
N ASP A 170 -3.62 -0.43 -18.28
CA ASP A 170 -4.85 0.36 -18.13
C ASP A 170 -6.00 -0.34 -17.35
N ARG A 171 -5.98 -1.67 -17.26
CA ARG A 171 -7.03 -2.43 -16.60
C ARG A 171 -6.50 -3.45 -15.57
N LEU A 172 -5.29 -3.21 -15.02
CA LEU A 172 -4.71 -4.12 -14.03
C LEU A 172 -3.88 -3.42 -12.99
N VAL A 173 -4.29 -3.59 -11.74
CA VAL A 173 -3.60 -2.98 -10.63
C VAL A 173 -3.09 -4.06 -9.64
N LYS A 174 -1.90 -3.84 -9.01
CA LYS A 174 -1.33 -4.80 -8.04
C LYS A 174 -0.82 -4.12 -6.81
N ILE A 175 -1.11 -4.70 -5.62
CA ILE A 175 -0.64 -4.22 -4.31
C ILE A 175 0.84 -4.56 -4.24
N GLY A 176 1.67 -3.56 -3.97
CA GLY A 176 3.11 -3.70 -4.09
C GLY A 176 4.14 -3.65 -3.00
N ASP A 177 3.92 -3.07 -1.81
CA ASP A 177 4.99 -3.06 -0.81
C ASP A 177 4.45 -3.68 0.46
N PHE A 178 5.04 -4.79 0.90
CA PHE A 178 4.61 -5.51 2.08
C PHE A 178 5.58 -5.28 3.25
N GLY A 179 6.23 -4.12 3.26
CA GLY A 179 7.18 -3.67 4.28
C GLY A 179 6.64 -3.61 5.70
N LEU A 180 5.35 -3.30 5.88
CA LEU A 180 4.73 -3.28 7.20
C LEU A 180 3.77 -4.45 7.42
N ALA A 181 3.58 -5.31 6.40
CA ALA A 181 2.65 -6.42 6.48
C ALA A 181 2.93 -7.37 7.65
N LYS A 182 1.88 -7.72 8.40
CA LYS A 182 2.00 -8.57 9.60
C LYS A 182 0.99 -9.71 9.59
N ALA A 183 1.32 -10.83 10.28
CA ALA A 183 0.42 -11.96 10.43
C ALA A 183 -0.46 -11.67 11.65
N VAL A 184 -1.79 -11.84 11.50
CA VAL A 184 -2.71 -11.61 12.62
C VAL A 184 -2.75 -12.91 13.43
N PRO A 185 -2.35 -12.89 14.73
CA PRO A 185 -2.38 -14.12 15.54
C PRO A 185 -3.76 -14.79 15.56
N GLU A 186 -3.76 -16.13 15.59
CA GLU A 186 -4.96 -16.99 15.58
C GLU A 186 -6.04 -16.61 16.63
N GLY A 187 -5.62 -16.34 17.86
CA GLY A 187 -6.52 -15.99 18.95
C GLY A 187 -6.90 -14.52 19.07
N HIS A 188 -6.40 -13.67 18.16
CA HIS A 188 -6.70 -12.24 18.21
C HIS A 188 -7.34 -11.70 16.92
N GLU A 189 -8.08 -10.58 17.06
CA GLU A 189 -8.78 -9.86 15.97
C GLU A 189 -7.93 -8.67 15.45
N TYR A 191 -3.51 -6.89 15.82
CA TYR A 191 -2.08 -7.02 16.03
C TYR A 191 -1.63 -5.72 16.76
N ARG A 192 -0.82 -5.84 17.84
CA ARG A 192 -0.34 -4.66 18.59
C ARG A 192 0.92 -4.15 17.92
N VAL A 193 0.93 -2.86 17.52
CA VAL A 193 1.98 -2.28 16.70
C VAL A 193 3.14 -1.61 17.46
N ARG A 194 2.89 -0.70 18.44
CA ARG A 194 3.94 0.08 19.15
C ARG A 194 4.62 1.03 18.11
N GLU A 195 3.93 2.16 17.82
CA GLU A 195 4.24 3.22 16.84
C GLU A 195 5.70 3.70 16.75
N ASP A 196 6.13 4.01 15.52
CA ASP A 196 7.45 4.51 15.14
C ASP A 196 7.30 5.83 14.36
N GLY A 197 8.42 6.48 14.05
CA GLY A 197 8.46 7.74 13.31
C GLY A 197 8.12 7.62 11.82
N ASP A 198 8.11 6.37 11.28
CA ASP A 198 7.82 6.10 9.87
C ASP A 198 6.36 5.64 9.62
N SER A 199 5.52 5.61 10.66
CA SER A 199 4.11 5.21 10.55
C SER A 199 3.32 6.14 9.62
N PRO A 200 2.61 5.60 8.61
CA PRO A 200 1.84 6.46 7.70
C PRO A 200 0.51 6.91 8.37
N VAL A 201 0.63 7.73 9.44
CA VAL A 201 -0.45 8.25 10.31
C VAL A 201 -1.62 8.90 9.55
N PHE A 202 -1.35 9.54 8.39
CA PHE A 202 -2.41 10.18 7.60
C PHE A 202 -3.27 9.17 6.84
N TRP A 203 -2.91 7.88 6.88
CA TRP A 203 -3.73 6.80 6.27
C TRP A 203 -4.29 5.89 7.39
N TYR A 204 -4.05 6.23 8.68
CA TYR A 204 -4.43 5.39 9.84
C TYR A 204 -5.74 5.71 10.56
N ALA A 205 -6.44 4.65 10.97
CA ALA A 205 -7.71 4.70 11.68
C ALA A 205 -7.49 5.17 13.11
N PRO A 206 -8.48 5.76 13.81
CA PRO A 206 -8.22 6.24 15.19
C PRO A 206 -7.71 5.18 16.15
N GLU A 207 -8.17 3.91 16.04
CA GLU A 207 -7.71 2.82 16.93
C GLU A 207 -6.20 2.57 16.80
N CYS A 208 -5.61 2.82 15.63
CA CYS A 208 -4.17 2.69 15.36
C CYS A 208 -3.37 3.82 16.03
N LEU A 209 -3.88 5.06 15.94
CA LEU A 209 -3.24 6.24 16.49
C LEU A 209 -3.30 6.29 18.02
N LYS A 210 -4.40 5.82 18.60
CA LYS A 210 -4.70 5.93 20.01
C LYS A 210 -4.34 4.70 20.86
N GLU A 211 -4.64 3.49 20.37
CA GLU A 211 -4.44 2.23 21.08
C GLU A 211 -3.28 1.41 20.56
N TYR A 212 -2.71 1.79 19.41
CA TYR A 212 -1.60 1.08 18.76
C TYR A 212 -2.00 -0.41 18.43
N LYS A 213 -3.28 -0.62 18.05
CA LYS A 213 -3.90 -1.90 17.68
C LYS A 213 -4.31 -1.82 16.22
N PHE A 214 -3.82 -2.73 15.38
CA PHE A 214 -4.14 -2.76 13.95
C PHE A 214 -5.05 -3.95 13.64
N TYR A 215 -6.34 -3.67 13.31
CA TYR A 215 -7.39 -4.67 13.00
C TYR A 215 -7.44 -4.87 11.50
N TYR A 216 -8.26 -5.81 11.01
CA TYR A 216 -8.47 -5.98 9.56
C TYR A 216 -9.21 -4.75 9.06
N ALA A 217 -10.16 -4.25 9.87
CA ALA A 217 -10.93 -3.02 9.67
C ALA A 217 -10.03 -1.76 9.58
N SER A 218 -8.80 -1.83 10.13
CA SER A 218 -7.85 -0.72 10.05
C SER A 218 -7.31 -0.59 8.64
N ASP A 219 -7.12 -1.72 7.94
CA ASP A 219 -6.73 -1.72 6.54
C ASP A 219 -7.87 -1.17 5.67
N VAL A 220 -9.16 -1.38 6.09
CA VAL A 220 -10.33 -0.86 5.33
C VAL A 220 -10.34 0.68 5.43
N TRP A 221 -9.96 1.24 6.60
CA TRP A 221 -9.84 2.69 6.76
C TRP A 221 -8.81 3.21 5.78
N SER A 222 -7.61 2.58 5.74
CA SER A 222 -6.54 2.96 4.79
C SER A 222 -7.02 2.88 3.32
N PHE A 223 -7.80 1.84 2.96
CA PHE A 223 -8.36 1.73 1.60
C PHE A 223 -9.24 2.95 1.28
N GLY A 224 -10.02 3.41 2.26
CA GLY A 224 -10.87 4.60 2.16
C GLY A 224 -10.05 5.83 1.77
N VAL A 225 -8.85 5.95 2.37
CA VAL A 225 -7.89 7.02 2.09
C VAL A 225 -7.31 6.82 0.70
N THR A 226 -7.03 5.54 0.32
CA THR A 226 -6.48 5.21 -1.01
C THR A 226 -7.48 5.60 -2.08
N LEU A 227 -8.77 5.27 -1.83
CA LEU A 227 -9.87 5.60 -2.70
C LEU A 227 -9.99 7.11 -2.88
N TYR A 228 -9.81 7.88 -1.80
CA TYR A 228 -9.80 9.35 -1.81
C TYR A 228 -8.62 9.83 -2.72
N GLU A 229 -7.42 9.24 -2.56
CA GLU A 229 -6.25 9.57 -3.37
C GLU A 229 -6.51 9.38 -4.86
N LEU A 230 -7.06 8.21 -5.24
CA LEU A 230 -7.42 7.87 -6.62
C LEU A 230 -8.38 8.92 -7.22
N LEU A 231 -9.44 9.28 -6.49
CA LEU A 231 -10.44 10.28 -6.90
C LEU A 231 -9.87 11.70 -7.02
N THR A 232 -8.76 12.00 -6.36
CA THR A 232 -8.11 13.32 -6.45
C THR A 232 -7.01 13.27 -7.50
N HIS A 233 -6.83 12.10 -8.17
CA HIS A 233 -5.79 11.84 -9.17
C HIS A 233 -4.42 12.00 -8.57
N CYS A 234 -4.30 11.66 -7.30
CA CYS A 234 -3.07 11.78 -6.50
C CYS A 234 -2.42 13.19 -6.57
N ASP A 235 -3.24 14.23 -6.71
CA ASP A 235 -2.79 15.63 -6.71
C ASP A 235 -2.19 15.91 -5.29
N SER A 236 -0.89 16.30 -5.24
CA SER A 236 -0.12 16.60 -4.01
C SER A 236 -0.79 17.62 -3.11
N SER A 237 -1.32 18.71 -3.70
CA SER A 237 -2.02 19.76 -2.97
C SER A 237 -3.33 19.21 -2.32
N GLN A 238 -3.80 18.03 -2.78
CA GLN A 238 -5.03 17.43 -2.20
C GLN A 238 -4.74 16.16 -1.40
N SER A 239 -3.49 15.81 -1.26
CA SER A 239 -3.05 14.62 -0.57
C SER A 239 -3.45 14.65 0.92
N PRO A 240 -3.64 13.43 1.51
CA PRO A 240 -3.99 13.34 2.94
C PRO A 240 -3.06 14.12 3.88
N PRO A 241 -1.69 14.05 3.82
CA PRO A 241 -0.88 14.88 4.73
C PRO A 241 -1.12 16.37 4.52
N THR A 242 -1.27 16.84 3.24
CA THR A 242 -1.53 18.26 2.97
C THR A 242 -2.84 18.73 3.62
N LYS A 243 -3.92 18.00 3.35
CA LYS A 243 -5.27 18.30 3.83
C LYS A 243 -5.39 18.22 5.32
N PHE A 244 -4.83 17.16 5.95
CA PHE A 244 -4.87 17.05 7.40
C PHE A 244 -3.97 18.08 8.09
N LEU A 245 -2.81 18.40 7.48
CA LEU A 245 -1.94 19.39 8.07
C LEU A 245 -2.52 20.79 7.97
N GLU A 246 -3.45 21.03 7.02
CA GLU A 246 -4.15 22.32 6.92
C GLU A 246 -5.15 22.43 8.09
N LEU A 247 -5.76 21.31 8.50
CA LEU A 247 -6.70 21.25 9.63
C LEU A 247 -6.02 21.30 11.02
N ILE A 248 -4.81 20.73 11.14
CA ILE A 248 -4.06 20.63 12.39
C ILE A 248 -3.17 21.85 12.61
N GLY A 249 -2.50 22.29 11.55
CA GLY A 249 -1.55 23.38 11.63
C GLY A 249 -0.18 22.80 11.85
N ILE A 250 0.86 23.61 11.69
CA ILE A 250 2.23 23.11 11.77
C ILE A 250 3.04 23.62 13.01
N ALA A 251 2.39 24.27 13.99
CA ALA A 251 3.06 24.76 15.21
C ALA A 251 2.53 24.02 16.44
N GLN A 252 2.49 22.68 16.33
CA GLN A 252 1.92 21.78 17.34
C GLN A 252 2.91 20.98 18.20
N GLY A 253 4.19 21.39 18.28
CA GLY A 253 5.19 20.64 19.03
C GLY A 253 5.17 19.17 18.62
N GLN A 254 5.17 18.26 19.62
CA GLN A 254 5.10 16.81 19.35
C GLN A 254 3.65 16.31 19.25
N MET A 255 2.66 17.21 19.06
CA MET A 255 1.24 16.82 19.09
C MET A 255 0.49 16.74 17.75
N THR A 256 1.19 16.54 16.62
CA THR A 256 0.50 16.36 15.33
C THR A 256 -0.50 15.22 15.40
N VAL A 257 -0.04 14.03 15.83
CA VAL A 257 -0.82 12.79 15.94
C VAL A 257 -2.03 12.98 16.87
N LEU A 258 -1.81 13.61 18.04
CA LEU A 258 -2.85 13.89 19.02
C LEU A 258 -3.95 14.81 18.46
N ARG A 259 -3.55 15.86 17.72
CA ARG A 259 -4.48 16.78 17.06
C ARG A 259 -5.25 16.08 15.93
N LEU A 260 -4.62 15.10 15.25
CA LEU A 260 -5.24 14.30 14.18
C LEU A 260 -6.29 13.36 14.81
N THR A 261 -5.93 12.72 15.93
CA THR A 261 -6.78 11.79 16.66
C THR A 261 -8.05 12.51 17.08
N GLU A 262 -7.94 13.74 17.64
CA GLU A 262 -9.13 14.46 18.09
C GLU A 262 -9.97 15.02 16.95
N LEU A 263 -9.38 15.44 15.81
CA LEU A 263 -10.22 15.86 14.69
C LEU A 263 -11.04 14.68 14.13
N LEU A 264 -10.45 13.47 14.12
CA LEU A 264 -11.11 12.25 13.63
C LEU A 264 -12.24 11.83 14.57
N GLU A 265 -12.04 12.00 15.89
CA GLU A 265 -13.04 11.72 16.94
C GLU A 265 -14.23 12.67 16.85
N ARG A 266 -13.98 13.95 16.47
CA ARG A 266 -15.02 14.96 16.26
C ARG A 266 -15.83 14.70 14.98
N GLY A 267 -15.45 13.67 14.21
CA GLY A 267 -16.10 13.30 12.95
C GLY A 267 -15.60 14.07 11.74
N GLU A 268 -14.47 14.77 11.85
CA GLU A 268 -13.93 15.50 10.70
C GLU A 268 -13.22 14.50 9.80
N ARG A 269 -13.40 14.65 8.50
CA ARG A 269 -12.88 13.73 7.49
C ARG A 269 -12.33 14.52 6.32
N LEU A 270 -11.61 13.82 5.41
CA LEU A 270 -11.08 14.40 4.16
C LEU A 270 -12.29 14.82 3.30
N PRO A 271 -12.19 15.94 2.54
CA PRO A 271 -13.37 16.39 1.79
C PRO A 271 -13.72 15.52 0.59
N ARG A 272 -14.91 15.76 0.03
CA ARG A 272 -15.33 15.05 -1.16
C ARG A 272 -14.51 15.59 -2.33
N PRO A 273 -13.77 14.72 -3.05
CA PRO A 273 -12.99 15.22 -4.18
C PRO A 273 -13.92 15.74 -5.28
N ASP A 274 -13.47 16.79 -5.98
CA ASP A 274 -14.17 17.40 -7.11
C ASP A 274 -14.43 16.29 -8.14
N LYS A 275 -15.68 16.15 -8.60
CA LYS A 275 -16.16 15.16 -9.56
C LYS A 275 -16.35 13.75 -8.98
N CYS A 276 -16.19 13.55 -7.65
CA CYS A 276 -16.43 12.23 -7.05
C CYS A 276 -17.95 12.14 -6.83
N PRO A 277 -18.64 11.09 -7.34
CA PRO A 277 -20.10 10.97 -7.08
C PRO A 277 -20.40 10.85 -5.58
N ALA A 278 -21.61 11.27 -5.17
CA ALA A 278 -22.07 11.27 -3.80
C ALA A 278 -21.99 9.88 -3.14
N GLU A 279 -22.46 8.83 -3.86
CA GLU A 279 -22.48 7.45 -3.38
C GLU A 279 -21.07 6.86 -3.15
N VAL A 280 -20.10 7.19 -4.04
CA VAL A 280 -18.71 6.76 -3.90
C VAL A 280 -18.14 7.44 -2.65
N TYR A 281 -18.44 8.76 -2.43
CA TYR A 281 -18.04 9.49 -1.23
C TYR A 281 -18.65 8.91 0.04
N HIS A 282 -19.92 8.46 -0.04
CA HIS A 282 -20.62 7.80 1.08
C HIS A 282 -19.94 6.48 1.43
N LEU A 283 -19.52 5.71 0.41
CA LEU A 283 -18.77 4.45 0.59
C LEU A 283 -17.41 4.76 1.27
N MET A 284 -16.72 5.85 0.85
CA MET A 284 -15.47 6.33 1.44
C MET A 284 -15.70 6.61 2.95
N LYS A 285 -16.79 7.37 3.28
CA LYS A 285 -17.14 7.72 4.64
C LYS A 285 -17.50 6.47 5.46
N ASN A 286 -18.04 5.42 4.80
CA ASN A 286 -18.37 4.16 5.48
C ASN A 286 -17.10 3.37 5.91
N CYS A 287 -16.03 3.49 5.12
CA CYS A 287 -14.70 2.96 5.36
C CYS A 287 -14.06 3.75 6.49
N TRP A 288 -14.47 5.02 6.68
CA TRP A 288 -13.97 5.92 7.71
C TRP A 288 -14.85 5.99 8.97
N GLU A 289 -15.63 4.93 9.24
CA GLU A 289 -16.41 4.87 10.48
C GLU A 289 -15.42 4.88 11.66
N THR A 290 -15.64 5.75 12.67
CA THR A 290 -14.78 5.83 13.87
C THR A 290 -14.76 4.45 14.52
N GLU A 291 -15.95 3.83 14.66
CA GLU A 291 -16.12 2.48 15.21
C GLU A 291 -15.73 1.43 14.13
N ALA A 292 -14.60 0.74 14.34
CA ALA A 292 -14.05 -0.25 13.41
C ALA A 292 -15.02 -1.33 12.94
N SER A 293 -15.89 -1.85 13.83
CA SER A 293 -16.86 -2.90 13.50
C SER A 293 -18.01 -2.40 12.59
N PHE A 294 -18.21 -1.07 12.49
CA PHE A 294 -19.25 -0.48 11.61
C PHE A 294 -18.72 -0.34 10.16
N ARG A 295 -17.41 -0.57 9.93
CA ARG A 295 -16.81 -0.52 8.60
C ARG A 295 -17.16 -1.80 7.82
N PRO A 296 -17.27 -1.69 6.48
CA PRO A 296 -17.44 -2.92 5.68
C PRO A 296 -16.10 -3.67 5.65
N THR A 297 -16.14 -4.95 5.33
CA THR A 297 -14.92 -5.73 5.17
C THR A 297 -14.54 -5.66 3.68
N PHE A 298 -13.35 -6.13 3.31
CA PHE A 298 -12.98 -6.13 1.91
C PHE A 298 -13.88 -7.02 1.08
N GLU A 299 -14.28 -8.19 1.64
CA GLU A 299 -15.24 -9.11 1.01
C GLU A 299 -16.60 -8.44 0.78
N ASN A 300 -17.05 -7.56 1.72
CA ASN A 300 -18.33 -6.84 1.60
C ASN A 300 -18.25 -5.81 0.47
N LEU A 301 -17.06 -5.20 0.33
CA LEU A 301 -16.79 -4.15 -0.66
C LEU A 301 -16.75 -4.65 -2.11
N ILE A 302 -16.25 -5.88 -2.35
CA ILE A 302 -16.05 -6.47 -3.69
C ILE A 302 -17.35 -6.46 -4.55
N PRO A 303 -18.54 -7.01 -4.13
CA PRO A 303 -19.74 -6.89 -5.00
C PRO A 303 -20.31 -5.47 -5.10
N ILE A 304 -20.15 -4.66 -4.06
CA ILE A 304 -20.58 -3.27 -4.09
C ILE A 304 -19.78 -2.49 -5.19
N LEU A 305 -18.46 -2.65 -5.21
CA LEU A 305 -17.63 -1.96 -6.20
C LEU A 305 -17.82 -2.55 -7.61
N LYS A 306 -18.14 -3.86 -7.71
CA LYS A 306 -18.43 -4.58 -8.96
C LYS A 306 -19.62 -3.90 -9.63
N THR A 307 -20.69 -3.64 -8.87
CA THR A 307 -21.94 -2.99 -9.25
C THR A 307 -21.74 -1.46 -9.49
N VAL A 308 -20.94 -0.77 -8.66
CA VAL A 308 -20.68 0.66 -8.87
C VAL A 308 -19.80 0.87 -10.15
N HIS A 309 -18.89 -0.08 -10.45
CA HIS A 309 -18.05 0.02 -11.65
C HIS A 309 -18.87 -0.25 -12.89
N GLU A 310 -19.78 -1.26 -12.84
CA GLU A 310 -20.67 -1.62 -13.95
C GLU A 310 -21.51 -0.41 -14.34
N LYS A 311 -21.99 0.34 -13.33
CA LYS A 311 -22.81 1.53 -13.47
C LYS A 311 -22.09 2.60 -14.31
N TYR A 312 -20.97 3.12 -13.78
CA TYR A 312 -20.17 4.20 -14.33
C TYR A 312 -19.42 3.83 -15.62
N GLN A 313 -19.24 2.52 -15.90
CA GLN A 313 -18.61 1.99 -17.12
C GLN A 313 -19.52 2.25 -18.32
N GLY A 314 -20.83 2.33 -18.07
CA GLY A 314 -21.86 2.57 -19.08
C GLY A 314 -22.58 3.92 -18.90
#